data_1IGI
#
_entry.id   1IGI
#
_cell.length_a   43.780
_cell.length_b   89.250
_cell.length_c   59.240
_cell.angle_alpha   90.00
_cell.angle_beta   95.94
_cell.angle_gamma   90.00
#
_symmetry.space_group_name_H-M   'P 1 21 1'
#
loop_
_entity.id
_entity.type
_entity.pdbx_description
1 polymer 'IGG2A-KAPPA 26-10 FAB (LIGHT CHAIN)'
2 polymer 'IGG2A-KAPPA 26-10 FAB (HEAVY CHAIN)'
#
loop_
_entity_poly.entity_id
_entity_poly.type
_entity_poly.pdbx_seq_one_letter_code
_entity_poly.pdbx_strand_id
1 'polypeptide(L)'
;DVVMTQTPLSLPVSLGDQASISCRSSQSLVHSNGNTYLNWYLQKAGQSPKLLIYKVSNRFSGVPDRFSGSGSGTDFTLKI
SRVEAEDLGIYFCSQTTHVPPTFGGGTKLEIKRADAAPTVSIFPPSSEQLTSGGASVVCFLNNFYPKDINVKWKIDGSER
QNGVLNSWTDQDSKDSTYSMSSTLTLTKDEYERHNSYTCEATHKTSTSPIVKSFNRNEC
;
L
2 'polypeptide(L)'
;EVQLQQSGPELVKPGASVRMSCKSSGYIFTDFYMNWVRQSHGKSLDYIGYISPYSGVTGYNQKFKGKATLTVDKSSSTAY
MELRSLTSEDSAVYYCAGSSGNKWAMDYWGHGASVTVSSAKTTAPSVYPLAPVCGDTTGSSVTLGCLVKGYFPEPVTLTW
NSGSLSSGVHTFPAVLQSDLYTLSSSVTVTSSTWPSQSITCNVAHPASSTKVDKKIEP
;
H
#
# COMPACT_ATOMS: atom_id res chain seq x y z
N ASP A 1 17.86 18.51 -6.20
CA ASP A 1 16.54 17.80 -6.24
C ASP A 1 15.61 18.58 -7.20
N VAL A 2 15.02 17.90 -8.17
CA VAL A 2 14.17 18.58 -9.11
C VAL A 2 12.83 17.93 -8.78
N VAL A 3 11.82 18.71 -8.46
CA VAL A 3 10.48 18.18 -8.15
C VAL A 3 9.87 17.69 -9.47
N MET A 4 9.32 16.50 -9.50
CA MET A 4 8.70 16.02 -10.73
C MET A 4 7.25 16.07 -10.37
N THR A 5 6.46 16.95 -10.91
CA THR A 5 5.06 17.00 -10.53
C THR A 5 4.29 16.24 -11.62
N GLN A 6 3.30 15.39 -11.30
CA GLN A 6 2.62 14.57 -12.29
C GLN A 6 1.13 14.60 -11.99
N THR A 7 0.35 14.78 -13.05
CA THR A 7 -1.10 14.94 -13.00
C THR A 7 -1.73 14.17 -14.16
N PRO A 8 -2.88 13.47 -14.04
CA PRO A 8 -3.70 13.39 -12.84
C PRO A 8 -3.00 12.60 -11.75
N LEU A 9 -3.61 12.64 -10.60
CA LEU A 9 -3.16 11.82 -9.49
C LEU A 9 -3.83 10.45 -9.65
N SER A 10 -5.02 10.40 -10.26
CA SER A 10 -5.73 9.18 -10.55
C SER A 10 -6.46 9.47 -11.87
N LEU A 11 -6.43 8.54 -12.80
CA LEU A 11 -6.98 8.73 -14.11
C LEU A 11 -7.90 7.52 -14.28
N PRO A 12 -9.22 7.71 -14.16
CA PRO A 12 -10.23 6.73 -14.54
C PRO A 12 -10.54 6.70 -16.04
N VAL A 13 -10.39 5.48 -16.53
CA VAL A 13 -10.58 5.15 -17.93
C VAL A 13 -11.50 3.92 -18.09
N SER A 14 -12.17 3.80 -19.21
CA SER A 14 -12.85 2.55 -19.53
C SER A 14 -11.80 1.72 -20.33
N LEU A 15 -11.79 0.40 -20.30
CA LEU A 15 -10.84 -0.32 -21.12
C LEU A 15 -11.19 0.06 -22.54
N GLY A 16 -10.19 0.32 -23.34
CA GLY A 16 -10.36 0.76 -24.71
C GLY A 16 -10.09 2.25 -24.88
N ASP A 17 -9.96 3.02 -23.81
CA ASP A 17 -9.78 4.45 -23.93
C ASP A 17 -8.33 4.85 -24.15
N GLN A 18 -8.26 6.08 -24.60
CA GLN A 18 -7.03 6.82 -24.78
C GLN A 18 -6.65 7.21 -23.35
N ALA A 19 -5.41 7.37 -22.98
CA ALA A 19 -5.06 7.88 -21.66
C ALA A 19 -3.85 8.77 -21.87
N SER A 20 -3.59 9.79 -21.06
CA SER A 20 -2.41 10.65 -21.18
C SER A 20 -2.02 10.98 -19.75
N ILE A 21 -0.75 11.01 -19.43
CA ILE A 21 -0.29 11.32 -18.09
C ILE A 21 0.68 12.45 -18.37
N SER A 22 0.58 13.51 -17.61
CA SER A 22 1.41 14.70 -17.76
C SER A 22 2.44 14.67 -16.64
N CYS A 23 3.62 15.22 -16.90
CA CYS A 23 4.69 15.29 -15.92
C CYS A 23 5.55 16.51 -16.23
N ARG A 24 5.86 17.30 -15.24
CA ARG A 24 6.68 18.49 -15.43
C ARG A 24 7.80 18.56 -14.44
N SER A 25 8.98 18.96 -14.86
CA SER A 25 10.08 19.06 -13.92
C SER A 25 10.12 20.48 -13.38
N SER A 26 10.84 20.72 -12.30
CA SER A 26 10.99 22.07 -11.81
C SER A 26 12.18 22.78 -12.45
N GLN A 27 12.87 22.15 -13.39
CA GLN A 27 14.08 22.68 -14.04
C GLN A 27 14.12 22.03 -15.42
N SER A 28 14.93 22.49 -16.36
CA SER A 28 14.98 21.89 -17.69
C SER A 28 15.84 20.64 -17.53
N LEU A 29 15.50 19.61 -18.29
CA LEU A 29 16.16 18.33 -18.22
C LEU A 29 17.20 18.09 -19.32
N VAL A 30 17.34 19.11 -20.15
CA VAL A 30 18.34 19.16 -21.21
C VAL A 30 19.70 19.31 -20.53
N HIS A 31 20.45 18.25 -20.58
CA HIS A 31 21.80 18.13 -20.03
C HIS A 31 22.78 18.78 -20.97
N SER A 32 24.02 18.93 -20.46
CA SER A 32 25.14 19.48 -21.23
C SER A 32 25.62 18.56 -22.33
N ASN A 33 25.37 17.26 -22.22
CA ASN A 33 25.87 16.41 -23.27
C ASN A 33 24.82 16.32 -24.37
N GLY A 34 23.81 17.19 -24.31
CA GLY A 34 22.79 17.30 -25.32
C GLY A 34 21.55 16.49 -25.14
N ASN A 35 21.40 15.75 -24.08
CA ASN A 35 20.28 14.84 -23.92
C ASN A 35 19.23 15.33 -22.88
N THR A 36 17.92 15.02 -22.98
CA THR A 36 16.91 15.32 -21.96
C THR A 36 16.67 13.93 -21.34
N TYR A 37 17.12 13.67 -20.13
CA TYR A 37 17.02 12.36 -19.50
C TYR A 37 15.76 12.22 -18.65
N LEU A 38 14.64 11.92 -19.31
CA LEU A 38 13.35 11.66 -18.65
C LEU A 38 12.83 10.29 -19.09
N ASN A 39 12.67 9.44 -18.10
CA ASN A 39 12.24 8.04 -18.28
C ASN A 39 10.80 7.79 -17.73
N TRP A 40 10.05 6.73 -18.02
CA TRP A 40 8.70 6.49 -17.52
C TRP A 40 8.60 5.06 -17.04
N TYR A 41 7.96 4.72 -15.93
CA TYR A 41 7.85 3.33 -15.50
C TYR A 41 6.42 2.94 -15.17
N LEU A 42 6.08 1.67 -15.17
CA LEU A 42 4.76 1.15 -14.81
C LEU A 42 5.05 0.10 -13.76
N GLN A 43 4.42 0.19 -12.63
CA GLN A 43 4.49 -0.82 -11.61
C GLN A 43 3.06 -1.32 -11.61
N LYS A 44 2.87 -2.52 -12.17
CA LYS A 44 1.60 -3.22 -12.10
C LYS A 44 1.43 -3.72 -10.68
N ALA A 45 0.27 -4.28 -10.41
CA ALA A 45 -0.13 -4.75 -9.07
C ALA A 45 0.93 -5.58 -8.35
N GLY A 46 1.49 -4.90 -7.36
CA GLY A 46 2.43 -5.54 -6.49
C GLY A 46 3.65 -6.14 -7.15
N GLN A 47 4.04 -5.66 -8.31
CA GLN A 47 5.23 -6.17 -8.99
C GLN A 47 6.34 -5.14 -8.85
N SER A 48 7.51 -5.34 -9.44
CA SER A 48 8.53 -4.31 -9.44
C SER A 48 8.25 -3.30 -10.55
N PRO A 49 8.75 -2.05 -10.53
CA PRO A 49 8.71 -1.14 -11.68
C PRO A 49 9.33 -1.77 -12.91
N LYS A 50 8.85 -1.28 -14.03
CA LYS A 50 9.23 -1.76 -15.33
C LYS A 50 9.34 -0.50 -16.17
N LEU A 51 10.50 -0.31 -16.81
CA LEU A 51 10.80 0.80 -17.70
C LEU A 51 10.00 0.57 -18.98
N LEU A 52 9.47 1.66 -19.45
CA LEU A 52 8.66 1.68 -20.64
C LEU A 52 9.40 2.59 -21.61
N ILE A 53 9.70 3.83 -21.25
CA ILE A 53 10.36 4.77 -22.15
C ILE A 53 11.51 5.38 -21.38
N TYR A 54 12.58 5.64 -22.11
CA TYR A 54 13.75 6.35 -21.62
C TYR A 54 14.01 7.48 -22.61
N LYS A 55 14.80 8.43 -22.13
CA LYS A 55 15.19 9.65 -22.85
C LYS A 55 14.08 10.16 -23.79
N VAL A 56 13.02 10.52 -23.02
CA VAL A 56 11.65 11.02 -23.28
C VAL A 56 10.79 10.20 -24.24
N SER A 57 11.31 9.75 -25.38
CA SER A 57 10.52 9.10 -26.41
C SER A 57 11.05 7.74 -26.84
N ASN A 58 12.09 7.28 -26.18
CA ASN A 58 12.63 6.01 -26.60
C ASN A 58 11.94 4.91 -25.86
N ARG A 59 11.16 4.19 -26.63
CA ARG A 59 10.49 2.99 -26.20
C ARG A 59 11.48 1.90 -25.79
N PHE A 60 11.33 1.23 -24.68
CA PHE A 60 12.26 0.17 -24.36
C PHE A 60 11.75 -1.15 -24.99
N SER A 61 12.62 -2.15 -25.01
CA SER A 61 12.43 -3.48 -25.59
C SER A 61 11.21 -4.22 -25.03
N GLY A 62 10.36 -4.62 -25.98
CA GLY A 62 9.18 -5.37 -25.66
C GLY A 62 8.04 -4.48 -25.26
N VAL A 63 8.17 -3.14 -25.04
CA VAL A 63 7.04 -2.22 -24.68
C VAL A 63 6.28 -2.01 -25.99
N PRO A 64 4.96 -2.25 -26.07
CA PRO A 64 4.24 -2.08 -27.34
C PRO A 64 4.17 -0.65 -27.88
N ASP A 65 3.84 -0.68 -29.17
CA ASP A 65 3.50 0.48 -29.98
C ASP A 65 2.46 1.44 -29.32
N ARG A 66 1.59 1.01 -28.39
CA ARG A 66 0.53 1.85 -27.80
C ARG A 66 0.93 3.04 -26.94
N PHE A 67 2.06 2.77 -26.29
CA PHE A 67 2.69 3.61 -25.30
C PHE A 67 3.60 4.56 -26.02
N SER A 68 3.56 5.85 -25.72
CA SER A 68 4.51 6.80 -26.31
C SER A 68 4.89 7.90 -25.32
N GLY A 69 5.99 8.58 -25.55
CA GLY A 69 6.43 9.62 -24.67
C GLY A 69 6.79 10.81 -25.53
N SER A 70 6.72 12.02 -25.00
CA SER A 70 7.10 13.19 -25.77
C SER A 70 7.36 14.38 -24.86
N GLY A 71 7.72 15.53 -25.42
CA GLY A 71 7.91 16.71 -24.62
C GLY A 71 9.28 17.27 -24.83
N SER A 72 9.71 18.10 -23.89
CA SER A 72 10.99 18.79 -23.96
C SER A 72 11.07 19.73 -22.78
N GLY A 73 12.28 20.03 -22.39
CA GLY A 73 12.55 20.91 -21.27
C GLY A 73 11.95 20.44 -19.97
N THR A 74 10.79 21.02 -19.72
CA THR A 74 10.10 20.85 -18.46
C THR A 74 8.78 20.08 -18.53
N ASP A 75 8.32 19.74 -19.73
CA ASP A 75 6.92 19.31 -19.89
C ASP A 75 6.83 18.06 -20.72
N PHE A 76 6.21 17.01 -20.17
CA PHE A 76 6.21 15.70 -20.80
C PHE A 76 4.87 14.98 -20.66
N THR A 77 4.64 13.99 -21.50
CA THR A 77 3.41 13.22 -21.56
C THR A 77 3.71 11.76 -21.90
N LEU A 78 3.04 10.79 -21.25
CA LEU A 78 3.07 9.37 -21.61
C LEU A 78 1.69 9.11 -22.14
N LYS A 79 1.60 8.54 -23.30
CA LYS A 79 0.32 8.39 -23.93
C LYS A 79 0.06 6.89 -24.08
N ILE A 80 -1.20 6.47 -23.94
CA ILE A 80 -1.59 5.09 -24.22
C ILE A 80 -2.74 5.28 -25.20
N SER A 81 -2.80 4.47 -26.24
CA SER A 81 -3.80 4.64 -27.26
C SER A 81 -5.04 3.82 -27.04
N ARG A 82 -4.89 2.69 -26.39
CA ARG A 82 -6.04 1.84 -26.15
C ARG A 82 -5.70 1.24 -24.82
N VAL A 83 -6.35 1.64 -23.74
CA VAL A 83 -6.02 1.11 -22.43
C VAL A 83 -6.48 -0.34 -22.35
N GLU A 84 -5.64 -1.31 -22.66
CA GLU A 84 -6.04 -2.68 -22.42
C GLU A 84 -5.94 -2.94 -20.91
N ALA A 85 -6.67 -3.90 -20.39
CA ALA A 85 -6.73 -4.28 -18.96
C ALA A 85 -5.38 -4.49 -18.31
N GLU A 86 -4.46 -5.02 -19.10
CA GLU A 86 -3.08 -5.26 -18.71
C GLU A 86 -2.33 -3.98 -18.30
N ASP A 87 -2.84 -2.84 -18.67
CA ASP A 87 -2.15 -1.59 -18.45
C ASP A 87 -2.44 -0.94 -17.12
N LEU A 88 -3.43 -1.44 -16.42
CA LEU A 88 -3.86 -0.83 -15.19
C LEU A 88 -2.85 -0.93 -14.05
N GLY A 89 -2.38 0.19 -13.52
CA GLY A 89 -1.36 0.21 -12.47
C GLY A 89 -0.81 1.61 -12.31
N ILE A 90 0.30 1.80 -11.61
CA ILE A 90 0.79 3.14 -11.31
C ILE A 90 1.98 3.42 -12.18
N TYR A 91 1.93 4.53 -12.88
CA TYR A 91 3.01 5.03 -13.73
C TYR A 91 3.72 6.15 -13.01
N PHE A 92 5.04 6.22 -12.99
CA PHE A 92 5.81 7.29 -12.36
C PHE A 92 6.70 7.85 -13.48
N CYS A 93 7.24 9.06 -13.31
CA CYS A 93 8.21 9.65 -14.23
C CYS A 93 9.45 9.91 -13.37
N SER A 94 10.67 9.69 -13.83
CA SER A 94 11.87 9.85 -13.03
C SER A 94 12.70 10.74 -13.91
N GLN A 95 13.59 11.52 -13.30
CA GLN A 95 14.52 12.34 -14.06
C GLN A 95 15.95 11.88 -13.68
N THR A 96 16.89 11.86 -14.63
CA THR A 96 18.26 11.47 -14.35
C THR A 96 19.31 12.45 -14.83
N THR A 97 18.87 13.68 -15.12
CA THR A 97 19.74 14.70 -15.62
C THR A 97 20.48 15.36 -14.47
N HIS A 98 19.80 15.57 -13.33
CA HIS A 98 20.30 16.36 -12.18
C HIS A 98 20.38 15.39 -10.98
N VAL A 99 21.25 15.70 -10.05
CA VAL A 99 21.48 14.83 -8.89
C VAL A 99 20.58 15.27 -7.72
N PRO A 100 20.06 14.37 -6.87
CA PRO A 100 19.83 12.96 -7.18
C PRO A 100 18.69 12.82 -8.20
N PRO A 101 18.50 11.60 -8.78
CA PRO A 101 17.22 11.10 -9.32
C PRO A 101 16.04 11.22 -8.39
N THR A 102 15.00 11.69 -9.03
CA THR A 102 13.75 11.97 -8.39
C THR A 102 12.71 11.33 -9.28
N PHE A 103 11.50 11.22 -8.78
CA PHE A 103 10.37 10.54 -9.38
C PHE A 103 9.15 11.35 -8.97
N GLY A 104 8.14 11.36 -9.84
CA GLY A 104 6.85 11.92 -9.58
C GLY A 104 6.12 10.96 -8.64
N GLY A 105 4.94 11.35 -8.15
CA GLY A 105 4.15 10.57 -7.18
C GLY A 105 3.31 9.48 -7.81
N GLY A 106 3.19 9.50 -9.13
CA GLY A 106 2.49 8.42 -9.77
C GLY A 106 1.08 8.78 -10.06
N THR A 107 0.67 8.18 -11.18
CA THR A 107 -0.66 8.28 -11.77
C THR A 107 -1.32 6.90 -11.89
N LYS A 108 -2.19 6.67 -10.93
CA LYS A 108 -2.93 5.43 -10.88
C LYS A 108 -3.97 5.36 -12.01
N LEU A 109 -3.78 4.44 -12.97
CA LEU A 109 -4.83 4.17 -13.95
C LEU A 109 -5.81 3.23 -13.23
N GLU A 110 -7.12 3.53 -13.32
CA GLU A 110 -8.19 2.71 -12.72
C GLU A 110 -9.40 2.66 -13.62
N ILE A 111 -10.22 1.65 -13.43
CA ILE A 111 -11.46 1.51 -14.19
C ILE A 111 -12.56 2.44 -13.60
N LYS A 112 -13.13 3.30 -14.45
CA LYS A 112 -14.19 4.25 -14.13
C LYS A 112 -15.51 3.52 -13.94
N ARG A 113 -16.46 4.01 -13.18
CA ARG A 113 -17.76 3.38 -13.03
C ARG A 113 -18.71 4.41 -12.38
N ALA A 114 -19.92 3.95 -12.05
CA ALA A 114 -20.95 4.79 -11.48
C ALA A 114 -20.68 4.86 -10.00
N ASP A 115 -20.71 6.08 -9.46
CA ASP A 115 -20.57 6.34 -8.03
C ASP A 115 -21.55 5.47 -7.23
N ALA A 116 -20.96 4.96 -6.18
CA ALA A 116 -21.66 4.11 -5.28
C ALA A 116 -21.57 4.90 -4.01
N ALA A 117 -22.44 4.57 -3.09
CA ALA A 117 -22.52 5.23 -1.81
C ALA A 117 -22.13 4.18 -0.77
N PRO A 118 -21.34 4.56 0.22
CA PRO A 118 -20.93 3.65 1.30
C PRO A 118 -22.03 2.98 2.08
N THR A 119 -21.75 1.73 2.38
CA THR A 119 -22.58 0.89 3.21
C THR A 119 -21.84 0.82 4.55
N VAL A 120 -22.05 1.89 5.26
CA VAL A 120 -21.47 2.10 6.57
C VAL A 120 -21.94 1.01 7.55
N SER A 121 -21.16 0.48 8.50
CA SER A 121 -21.64 -0.43 9.55
C SER A 121 -20.68 -0.19 10.71
N ILE A 122 -21.21 0.02 11.92
CA ILE A 122 -20.41 0.38 13.09
C ILE A 122 -20.56 -0.85 13.98
N PHE A 123 -19.60 -1.24 14.79
CA PHE A 123 -19.65 -2.44 15.62
C PHE A 123 -19.17 -2.09 17.04
N PRO A 124 -20.02 -2.39 18.04
CA PRO A 124 -19.75 -2.10 19.48
C PRO A 124 -18.61 -3.00 19.90
N PRO A 125 -17.67 -2.70 20.80
CA PRO A 125 -16.72 -3.69 21.30
C PRO A 125 -17.44 -4.98 21.79
N SER A 126 -16.69 -6.06 21.68
CA SER A 126 -17.15 -7.40 22.02
C SER A 126 -16.94 -7.60 23.53
N SER A 127 -17.78 -8.45 24.10
CA SER A 127 -17.73 -8.85 25.50
C SER A 127 -16.29 -9.09 25.88
N GLU A 128 -15.73 -10.00 25.09
CA GLU A 128 -14.35 -10.48 25.17
C GLU A 128 -13.36 -9.36 25.30
N GLN A 129 -13.50 -8.39 24.42
CA GLN A 129 -12.58 -7.29 24.43
C GLN A 129 -12.75 -6.41 25.63
N LEU A 130 -13.99 -6.19 26.01
CA LEU A 130 -14.25 -5.36 27.16
C LEU A 130 -13.74 -6.12 28.36
N THR A 131 -13.79 -7.44 28.39
CA THR A 131 -13.20 -8.26 29.43
C THR A 131 -11.69 -8.04 29.38
N SER A 132 -11.07 -7.94 28.20
CA SER A 132 -9.61 -7.65 28.07
C SER A 132 -9.21 -6.35 28.73
N GLY A 133 -10.17 -5.43 28.72
CA GLY A 133 -9.96 -4.11 29.26
C GLY A 133 -9.78 -3.08 28.16
N GLY A 134 -10.26 -3.35 26.94
CA GLY A 134 -9.99 -2.42 25.86
C GLY A 134 -11.18 -2.42 25.01
N ALA A 135 -11.32 -1.39 24.21
CA ALA A 135 -12.52 -1.26 23.43
C ALA A 135 -12.30 -0.61 22.09
N SER A 136 -12.48 -1.42 21.06
CA SER A 136 -12.48 -0.96 19.71
C SER A 136 -13.91 -0.91 19.17
N VAL A 137 -14.28 0.24 18.65
CA VAL A 137 -15.54 0.42 17.96
C VAL A 137 -15.12 0.47 16.49
N VAL A 138 -15.56 -0.47 15.65
CA VAL A 138 -15.16 -0.61 14.24
C VAL A 138 -16.24 -0.08 13.29
N CYS A 139 -15.88 0.40 12.11
CA CYS A 139 -16.81 0.95 11.15
C CYS A 139 -16.27 0.63 9.77
N PHE A 140 -17.07 -0.16 9.04
CA PHE A 140 -16.76 -0.66 7.70
C PHE A 140 -17.54 0.17 6.74
N LEU A 141 -16.86 0.75 5.76
CA LEU A 141 -17.53 1.58 4.78
C LEU A 141 -17.20 0.78 3.52
N ASN A 142 -18.10 -0.15 3.32
CA ASN A 142 -17.96 -1.13 2.24
C ASN A 142 -18.48 -0.70 0.88
N ASN A 143 -17.68 -0.82 -0.17
CA ASN A 143 -18.12 -0.67 -1.56
C ASN A 143 -18.56 0.69 -2.08
N PHE A 144 -17.78 1.73 -1.87
CA PHE A 144 -18.10 3.05 -2.44
C PHE A 144 -17.26 3.33 -3.71
N TYR A 145 -17.66 4.30 -4.54
CA TYR A 145 -16.90 4.74 -5.71
C TYR A 145 -17.16 6.23 -5.87
N PRO A 146 -16.26 7.21 -6.14
CA PRO A 146 -14.79 7.19 -5.96
C PRO A 146 -14.17 6.98 -4.58
N LYS A 147 -12.86 6.76 -4.52
CA LYS A 147 -12.18 6.44 -3.27
C LYS A 147 -11.99 7.66 -2.42
N ASP A 148 -12.26 8.86 -2.85
CA ASP A 148 -12.10 10.01 -1.97
C ASP A 148 -13.30 9.91 -1.00
N ILE A 149 -13.05 9.55 0.24
CA ILE A 149 -14.11 9.45 1.24
C ILE A 149 -13.55 10.12 2.49
N ASN A 150 -14.33 10.54 3.49
CA ASN A 150 -13.79 11.21 4.69
C ASN A 150 -14.53 10.71 5.92
N VAL A 151 -13.81 9.93 6.71
CA VAL A 151 -14.32 9.38 7.95
C VAL A 151 -13.88 10.26 9.13
N LYS A 152 -14.88 10.57 9.97
CA LYS A 152 -14.76 11.30 11.22
C LYS A 152 -15.32 10.42 12.34
N TRP A 153 -14.79 10.53 13.54
CA TRP A 153 -15.33 9.80 14.68
C TRP A 153 -15.80 10.84 15.69
N LYS A 154 -17.00 10.66 16.24
CA LYS A 154 -17.57 11.56 17.27
C LYS A 154 -18.00 10.79 18.48
N ILE A 155 -17.61 11.28 19.65
CA ILE A 155 -18.07 10.70 20.90
C ILE A 155 -18.77 11.86 21.62
N ASP A 156 -20.04 11.75 21.98
CA ASP A 156 -20.69 12.80 22.74
C ASP A 156 -20.48 14.27 22.27
N GLY A 157 -20.55 14.56 20.98
CA GLY A 157 -20.50 15.97 20.55
C GLY A 157 -19.15 16.58 20.25
N SER A 158 -18.04 16.21 20.88
CA SER A 158 -16.73 16.68 20.45
C SER A 158 -16.17 15.62 19.47
N GLU A 159 -15.37 15.98 18.47
CA GLU A 159 -14.88 15.01 17.48
C GLU A 159 -13.73 14.16 18.07
N ARG A 160 -13.35 13.02 17.50
CA ARG A 160 -12.36 12.11 18.07
C ARG A 160 -11.27 11.63 17.09
N GLN A 161 -10.07 11.77 17.67
CA GLN A 161 -8.76 11.49 17.07
C GLN A 161 -7.79 10.45 17.66
N ASN A 162 -7.44 10.42 18.95
CA ASN A 162 -6.45 9.43 19.45
C ASN A 162 -7.05 8.04 19.39
N GLY A 163 -6.53 7.15 18.56
CA GLY A 163 -7.05 5.79 18.55
C GLY A 163 -7.68 5.28 17.26
N VAL A 164 -7.75 6.09 16.21
CA VAL A 164 -8.30 5.69 14.91
C VAL A 164 -7.26 5.00 13.98
N LEU A 165 -7.47 3.70 13.70
CA LEU A 165 -6.69 2.93 12.75
C LEU A 165 -7.52 2.79 11.48
N ASN A 166 -6.97 3.34 10.42
CA ASN A 166 -7.62 3.30 9.11
C ASN A 166 -6.89 2.56 7.97
N SER A 167 -7.61 1.83 7.15
CA SER A 167 -7.05 0.94 6.16
C SER A 167 -7.97 0.94 4.94
N TRP A 168 -7.68 0.17 3.92
CA TRP A 168 -8.38 0.29 2.65
C TRP A 168 -8.14 -0.88 1.68
N THR A 169 -9.10 -1.13 0.81
CA THR A 169 -9.06 -2.15 -0.22
C THR A 169 -8.67 -1.50 -1.56
N ASP A 170 -8.11 -2.17 -2.56
CA ASP A 170 -7.81 -1.52 -3.85
C ASP A 170 -9.05 -1.80 -4.68
N GLN A 171 -9.10 -1.43 -5.97
CA GLN A 171 -10.32 -1.62 -6.73
C GLN A 171 -10.58 -3.12 -6.79
N ASP A 172 -11.72 -3.55 -6.26
CA ASP A 172 -12.08 -4.97 -6.34
C ASP A 172 -12.29 -5.38 -7.81
N SER A 173 -11.64 -6.46 -8.17
CA SER A 173 -11.75 -7.06 -9.51
C SER A 173 -13.06 -7.81 -9.67
N LYS A 174 -14.16 -7.07 -9.67
CA LYS A 174 -15.52 -7.62 -9.73
C LYS A 174 -16.44 -6.44 -9.94
N ASP A 175 -16.41 -5.46 -9.03
CA ASP A 175 -17.34 -4.34 -9.11
C ASP A 175 -16.71 -2.96 -9.04
N SER A 176 -15.42 -2.91 -9.29
CA SER A 176 -14.64 -1.68 -9.28
C SER A 176 -14.83 -0.74 -8.10
N THR A 177 -15.33 -1.21 -6.97
CA THR A 177 -15.52 -0.39 -5.79
C THR A 177 -14.51 -0.69 -4.69
N TYR A 178 -14.20 0.39 -3.99
CA TYR A 178 -13.28 0.43 -2.85
C TYR A 178 -14.07 0.24 -1.55
N SER A 179 -13.38 -0.13 -0.50
CA SER A 179 -13.94 -0.31 0.83
C SER A 179 -12.83 0.12 1.77
N MET A 180 -13.17 0.80 2.86
CA MET A 180 -12.17 1.16 3.84
C MET A 180 -12.75 0.92 5.22
N SER A 181 -11.84 0.74 6.17
CA SER A 181 -12.19 0.38 7.53
C SER A 181 -11.56 1.39 8.48
N SER A 182 -12.33 1.69 9.52
CA SER A 182 -12.00 2.58 10.61
C SER A 182 -12.33 1.82 11.90
N THR A 183 -11.44 1.97 12.87
CA THR A 183 -11.46 1.30 14.17
C THR A 183 -11.04 2.39 15.16
N LEU A 184 -11.75 2.63 16.26
CA LEU A 184 -11.35 3.62 17.26
C LEU A 184 -11.10 2.75 18.46
N THR A 185 -9.97 2.96 19.12
CA THR A 185 -9.60 2.12 20.24
C THR A 185 -9.35 2.99 21.46
N LEU A 186 -10.14 2.75 22.48
CA LEU A 186 -10.05 3.50 23.72
C LEU A 186 -10.11 2.46 24.82
N THR A 187 -9.97 2.92 26.05
CA THR A 187 -10.02 2.08 27.25
C THR A 187 -11.43 1.48 27.45
N LYS A 188 -11.58 0.42 28.28
CA LYS A 188 -12.89 0.00 28.76
C LYS A 188 -13.27 1.22 29.60
N ASP A 189 -12.42 1.70 30.52
CA ASP A 189 -12.72 2.91 31.31
C ASP A 189 -13.28 4.14 30.60
N GLU A 190 -12.75 4.56 29.45
CA GLU A 190 -13.32 5.70 28.75
C GLU A 190 -14.60 5.35 27.94
N TYR A 191 -14.78 4.09 27.52
CA TYR A 191 -15.96 3.64 26.79
C TYR A 191 -17.13 3.72 27.79
N GLU A 192 -17.04 3.11 28.97
CA GLU A 192 -18.08 3.10 30.02
C GLU A 192 -18.53 4.49 30.46
N ARG A 193 -17.64 5.47 30.48
CA ARG A 193 -18.08 6.82 30.83
C ARG A 193 -18.42 7.70 29.61
N HIS A 194 -18.90 7.14 28.50
CA HIS A 194 -19.35 7.89 27.33
C HIS A 194 -20.48 7.04 26.79
N ASN A 195 -21.23 7.62 25.84
CA ASN A 195 -22.47 6.99 25.40
C ASN A 195 -22.88 6.97 23.92
N SER A 196 -22.81 8.02 23.13
CA SER A 196 -23.10 7.90 21.70
C SER A 196 -21.74 8.00 21.01
N TYR A 197 -21.64 7.11 20.01
CA TYR A 197 -20.46 6.88 19.20
C TYR A 197 -20.91 6.99 17.74
N THR A 198 -20.19 7.75 16.96
CA THR A 198 -20.64 8.10 15.62
C THR A 198 -19.55 8.01 14.58
N CYS A 199 -19.80 7.05 13.72
CA CYS A 199 -18.96 6.82 12.57
C CYS A 199 -19.64 7.73 11.57
N GLU A 200 -19.01 8.84 11.22
CA GLU A 200 -19.68 9.79 10.37
C GLU A 200 -18.81 10.09 9.16
N ALA A 201 -19.28 9.36 8.18
CA ALA A 201 -18.68 9.33 6.87
C ALA A 201 -19.11 10.54 6.15
N THR A 202 -18.22 11.05 5.37
CA THR A 202 -18.51 12.11 4.46
C THR A 202 -18.21 11.38 3.15
N HIS A 203 -19.04 11.28 2.12
CA HIS A 203 -18.52 10.78 0.83
C HIS A 203 -18.97 11.88 -0.13
N LYS A 204 -18.30 11.97 -1.28
CA LYS A 204 -18.68 12.94 -2.29
C LYS A 204 -20.06 12.61 -2.92
N THR A 205 -20.67 11.44 -2.78
CA THR A 205 -22.01 11.25 -3.35
C THR A 205 -23.13 11.92 -2.55
N SER A 206 -23.00 12.21 -1.27
CA SER A 206 -24.10 12.78 -0.53
C SER A 206 -23.52 13.90 0.27
N THR A 207 -24.38 14.89 0.09
CA THR A 207 -24.34 16.20 0.74
C THR A 207 -24.57 16.07 2.27
N SER A 208 -25.36 15.02 2.51
CA SER A 208 -25.79 14.44 3.76
C SER A 208 -24.66 13.49 4.17
N PRO A 209 -23.95 13.71 5.27
CA PRO A 209 -22.98 12.73 5.77
C PRO A 209 -23.75 11.49 6.17
N ILE A 210 -23.12 10.34 5.92
CA ILE A 210 -23.67 9.04 6.29
C ILE A 210 -23.18 8.89 7.74
N VAL A 211 -24.13 8.77 8.63
CA VAL A 211 -23.91 8.70 10.06
C VAL A 211 -24.41 7.38 10.64
N LYS A 212 -23.54 6.46 11.04
CA LYS A 212 -24.01 5.31 11.76
C LYS A 212 -23.50 5.60 13.16
N SER A 213 -24.46 5.38 14.01
CA SER A 213 -24.33 5.63 15.42
C SER A 213 -24.93 4.47 16.16
N PHE A 214 -24.58 4.49 17.43
CA PHE A 214 -25.10 3.58 18.41
C PHE A 214 -24.76 4.29 19.72
N ASN A 215 -25.49 3.88 20.75
CA ASN A 215 -25.36 4.44 22.09
C ASN A 215 -25.11 3.30 23.05
N ARG A 216 -24.02 3.27 23.80
CA ARG A 216 -23.63 2.19 24.71
C ARG A 216 -24.73 1.74 25.66
N ASN A 217 -25.72 2.62 25.94
CA ASN A 217 -27.01 2.39 26.66
C ASN A 217 -27.49 3.84 26.91
N GLU A 218 -28.47 4.39 26.19
CA GLU A 218 -28.80 5.84 26.20
C GLU A 218 -30.24 6.35 26.26
N VAL B 2 20.22 -10.72 -17.94
CA VAL B 2 20.59 -9.91 -16.74
C VAL B 2 19.49 -10.30 -15.75
N GLN B 3 19.95 -10.77 -14.61
CA GLN B 3 19.10 -11.24 -13.53
C GLN B 3 19.79 -10.70 -12.27
N LEU B 4 18.97 -10.29 -11.29
CA LEU B 4 19.38 -9.79 -9.98
C LEU B 4 18.55 -10.52 -8.94
N GLN B 5 19.28 -11.07 -7.99
CA GLN B 5 18.69 -11.81 -6.89
C GLN B 5 18.83 -10.93 -5.64
N GLN B 6 17.78 -10.69 -4.86
CA GLN B 6 17.86 -9.90 -3.62
C GLN B 6 17.46 -10.72 -2.41
N SER B 7 18.20 -10.60 -1.31
CA SER B 7 17.83 -11.19 -0.03
C SER B 7 16.49 -10.61 0.44
N GLY B 8 15.62 -11.54 0.80
CA GLY B 8 14.25 -11.23 1.14
C GLY B 8 14.11 -11.03 2.63
N PRO B 9 12.84 -10.88 3.07
CA PRO B 9 12.44 -10.03 4.21
C PRO B 9 13.21 -10.22 5.50
N GLU B 10 13.29 -9.10 6.18
CA GLU B 10 14.02 -9.07 7.43
C GLU B 10 13.09 -8.33 8.37
N LEU B 11 13.29 -8.60 9.65
CA LEU B 11 12.58 -7.96 10.74
C LEU B 11 13.68 -7.47 11.72
N VAL B 12 13.93 -6.18 11.63
CA VAL B 12 14.99 -5.55 12.38
C VAL B 12 14.40 -4.84 13.58
N LYS B 13 15.27 -4.85 14.56
CA LYS B 13 14.94 -4.24 15.81
C LYS B 13 15.23 -2.75 15.59
N PRO B 14 14.61 -1.88 16.37
CA PRO B 14 14.96 -0.46 16.52
C PRO B 14 16.38 -0.07 16.99
N GLY B 15 16.92 0.94 16.30
CA GLY B 15 18.27 1.43 16.51
C GLY B 15 19.26 0.33 16.18
N ALA B 16 18.95 -0.49 15.16
CA ALA B 16 19.81 -1.59 14.70
C ALA B 16 20.18 -1.38 13.22
N SER B 17 20.90 -2.29 12.58
CA SER B 17 21.29 -2.21 11.17
C SER B 17 20.93 -3.48 10.35
N VAL B 18 20.77 -3.38 9.03
CA VAL B 18 20.43 -4.53 8.19
C VAL B 18 21.32 -4.34 6.97
N ARG B 19 21.94 -5.44 6.55
CA ARG B 19 22.83 -5.49 5.40
C ARG B 19 21.97 -6.21 4.38
N MET B 20 22.01 -5.76 3.15
CA MET B 20 21.12 -6.27 2.12
C MET B 20 21.97 -6.53 0.89
N SER B 21 21.73 -7.67 0.26
CA SER B 21 22.55 -8.14 -0.82
C SER B 21 21.80 -8.10 -2.10
N CYS B 22 22.57 -8.01 -3.15
CA CYS B 22 22.03 -8.01 -4.47
C CYS B 22 23.06 -8.57 -5.45
N LYS B 23 22.77 -9.73 -6.01
CA LYS B 23 23.70 -10.37 -6.93
C LYS B 23 23.17 -10.22 -8.34
N SER B 24 24.11 -9.71 -9.13
CA SER B 24 23.85 -9.47 -10.52
C SER B 24 24.37 -10.70 -11.22
N SER B 25 23.73 -11.07 -12.33
CA SER B 25 24.05 -12.26 -13.10
C SER B 25 23.69 -12.03 -14.58
N GLY B 26 24.49 -12.66 -15.45
CA GLY B 26 24.26 -12.71 -16.90
C GLY B 26 24.06 -11.41 -17.68
N TYR B 27 25.07 -10.54 -17.52
CA TYR B 27 25.29 -9.26 -18.22
C TYR B 27 26.73 -8.86 -17.87
N ILE B 28 27.47 -9.88 -18.28
CA ILE B 28 28.88 -9.98 -18.01
C ILE B 28 29.45 -9.46 -19.33
N PHE B 29 30.13 -8.40 -18.92
CA PHE B 29 30.89 -7.46 -19.71
C PHE B 29 29.91 -6.53 -20.41
N THR B 30 29.92 -5.48 -19.56
CA THR B 30 29.26 -4.18 -19.66
C THR B 30 29.81 -3.42 -18.44
N ASP B 31 29.65 -2.10 -18.56
CA ASP B 31 29.86 -1.12 -17.50
C ASP B 31 28.44 -0.49 -17.31
N PHE B 32 27.90 -1.03 -16.22
CA PHE B 32 26.54 -0.95 -15.74
C PHE B 32 26.69 -0.70 -14.22
N TYR B 33 25.65 -0.27 -13.52
CA TYR B 33 25.76 0.10 -12.11
C TYR B 33 24.63 -0.53 -11.35
N MET B 34 24.76 -0.87 -10.07
CA MET B 34 23.64 -1.36 -9.30
C MET B 34 23.12 -0.18 -8.51
N ASN B 35 21.81 -0.05 -8.53
CA ASN B 35 21.04 1.08 -7.98
C ASN B 35 20.13 0.58 -6.88
N TRP B 36 19.93 1.43 -5.88
CA TRP B 36 19.03 1.11 -4.79
C TRP B 36 18.08 2.28 -4.71
N VAL B 37 16.82 1.90 -4.63
CA VAL B 37 15.65 2.79 -4.71
C VAL B 37 14.76 2.34 -3.55
N ARG B 38 14.41 3.19 -2.58
CA ARG B 38 13.46 2.84 -1.54
C ARG B 38 12.07 3.27 -2.01
N GLN B 39 11.02 2.48 -1.78
CA GLN B 39 9.64 2.79 -2.14
C GLN B 39 8.93 2.79 -0.79
N SER B 40 8.72 4.03 -0.40
CA SER B 40 8.18 4.33 0.89
C SER B 40 6.86 3.69 1.19
N HIS B 41 5.77 3.79 0.45
CA HIS B 41 4.55 3.01 0.69
C HIS B 41 3.60 3.36 -0.46
N GLY B 42 3.43 2.30 -1.26
CA GLY B 42 2.60 2.36 -2.43
C GLY B 42 3.22 3.16 -3.58
N LYS B 43 3.34 4.50 -3.47
CA LYS B 43 3.78 5.34 -4.59
C LYS B 43 5.02 6.23 -4.45
N SER B 44 5.68 6.48 -3.33
CA SER B 44 6.86 7.35 -3.37
C SER B 44 8.11 6.52 -3.52
N LEU B 45 8.85 6.74 -4.59
CA LEU B 45 10.12 6.05 -4.84
C LEU B 45 11.15 7.13 -4.51
N ASP B 46 12.18 6.75 -3.77
CA ASP B 46 13.25 7.64 -3.30
C ASP B 46 14.50 6.89 -3.72
N TYR B 47 15.31 7.55 -4.53
CA TYR B 47 16.54 6.99 -5.05
C TYR B 47 17.59 7.03 -3.95
N ILE B 48 18.15 5.88 -3.58
CA ILE B 48 19.11 5.87 -2.48
C ILE B 48 20.57 6.10 -2.91
N GLY B 49 21.04 5.47 -4.01
CA GLY B 49 22.41 5.58 -4.52
C GLY B 49 22.74 4.56 -5.59
N TYR B 50 23.95 4.62 -6.12
CA TYR B 50 24.50 3.70 -7.13
C TYR B 50 25.93 3.35 -6.73
N ILE B 51 26.38 2.20 -7.27
CA ILE B 51 27.70 1.57 -7.14
C ILE B 51 28.04 0.71 -8.37
N SER B 52 29.22 0.99 -8.95
CA SER B 52 29.70 0.13 -9.99
C SER B 52 30.49 -1.07 -9.41
N PRO B 53 29.98 -2.30 -9.67
CA PRO B 53 30.66 -3.54 -9.26
C PRO B 53 32.05 -3.77 -9.85
N TYR B 54 32.30 -3.23 -11.05
CA TYR B 54 33.57 -3.27 -11.74
C TYR B 54 34.56 -2.35 -11.00
N SER B 55 34.34 -1.01 -10.99
CA SER B 55 35.22 0.03 -10.38
C SER B 55 35.08 0.50 -8.94
N GLY B 56 33.89 0.49 -8.35
CA GLY B 56 33.71 0.94 -6.99
C GLY B 56 33.06 2.32 -6.87
N VAL B 57 32.74 3.00 -7.99
CA VAL B 57 32.20 4.37 -8.04
C VAL B 57 30.84 4.38 -7.34
N THR B 58 30.77 4.93 -6.13
CA THR B 58 29.47 5.05 -5.49
C THR B 58 29.05 6.50 -5.60
N GLY B 59 27.76 6.65 -5.35
CA GLY B 59 27.17 7.95 -5.31
C GLY B 59 25.85 7.79 -4.66
N TYR B 60 25.73 8.60 -3.63
CA TYR B 60 24.55 8.62 -2.81
C TYR B 60 23.66 9.87 -3.08
N ASN B 61 22.42 9.66 -2.68
CA ASN B 61 21.46 10.73 -2.61
C ASN B 61 21.87 11.24 -1.21
N GLN B 62 22.01 12.54 -1.11
CA GLN B 62 22.54 13.27 0.05
C GLN B 62 21.61 13.12 1.25
N LYS B 63 20.37 12.70 1.04
CA LYS B 63 19.43 12.34 2.10
C LYS B 63 19.76 11.01 2.75
N PHE B 64 20.44 10.08 2.09
CA PHE B 64 20.69 8.75 2.64
C PHE B 64 22.12 8.49 3.10
N LYS B 65 23.00 9.40 2.73
CA LYS B 65 24.42 9.29 3.09
C LYS B 65 24.50 9.43 4.61
N GLY B 66 24.98 8.32 5.18
CA GLY B 66 25.04 8.14 6.61
C GLY B 66 24.05 7.08 7.09
N LYS B 67 22.83 7.10 6.57
CA LYS B 67 21.82 6.08 6.88
C LYS B 67 22.14 4.78 6.14
N ALA B 68 22.66 4.94 4.93
CA ALA B 68 23.01 3.85 4.01
C ALA B 68 24.50 3.81 3.58
N THR B 69 25.14 2.63 3.60
CA THR B 69 26.51 2.34 3.16
C THR B 69 26.53 1.31 2.00
N LEU B 70 26.95 1.76 0.82
CA LEU B 70 26.99 0.93 -0.37
C LEU B 70 28.43 0.45 -0.55
N THR B 71 28.47 -0.86 -0.81
CA THR B 71 29.65 -1.69 -0.98
C THR B 71 29.43 -2.76 -2.05
N VAL B 72 30.46 -3.28 -2.70
CA VAL B 72 30.31 -4.38 -3.65
C VAL B 72 31.55 -5.26 -3.56
N ASP B 73 31.30 -6.54 -3.79
CA ASP B 73 32.29 -7.60 -3.87
C ASP B 73 32.32 -7.80 -5.39
N LYS B 74 33.31 -7.13 -5.97
CA LYS B 74 33.55 -7.10 -7.42
C LYS B 74 33.63 -8.54 -7.89
N SER B 75 34.46 -9.27 -7.14
CA SER B 75 34.74 -10.70 -7.25
C SER B 75 33.54 -11.67 -7.25
N SER B 76 32.33 -11.22 -6.82
CA SER B 76 31.12 -12.04 -6.85
C SER B 76 30.00 -11.36 -7.62
N SER B 77 30.20 -10.06 -7.86
CA SER B 77 29.17 -9.17 -8.35
C SER B 77 28.05 -9.21 -7.30
N THR B 78 28.45 -8.80 -6.08
CA THR B 78 27.49 -8.68 -5.00
C THR B 78 27.58 -7.31 -4.34
N ALA B 79 26.55 -6.54 -4.62
CA ALA B 79 26.37 -5.21 -4.05
C ALA B 79 25.75 -5.41 -2.67
N TYR B 80 25.95 -4.40 -1.85
CA TYR B 80 25.48 -4.37 -0.49
C TYR B 80 25.06 -2.97 -0.14
N MET B 81 24.05 -2.99 0.72
CA MET B 81 23.50 -1.82 1.34
C MET B 81 23.33 -2.17 2.80
N GLU B 82 23.93 -1.38 3.65
CA GLU B 82 23.77 -1.53 5.06
C GLU B 82 23.05 -0.27 5.47
N LEU B 83 21.96 -0.39 6.20
CA LEU B 83 21.12 0.72 6.70
C LEU B 83 21.34 0.60 8.19
N ARG B 84 21.75 1.64 8.90
CA ARG B 84 21.95 1.52 10.34
C ARG B 84 21.04 2.50 11.08
N SER B 85 20.73 2.16 12.34
CA SER B 85 19.83 2.89 13.25
C SER B 85 18.43 2.99 12.69
N LEU B 86 17.94 1.79 12.51
CA LEU B 86 16.63 1.61 11.94
C LEU B 86 15.50 2.09 12.86
N THR B 87 14.66 2.93 12.33
CA THR B 87 13.50 3.42 13.02
C THR B 87 12.28 2.88 12.32
N SER B 88 11.16 2.91 13.03
CA SER B 88 9.86 2.42 12.58
C SER B 88 9.52 2.98 11.20
N GLU B 89 9.96 4.23 11.05
CA GLU B 89 9.81 5.03 9.85
C GLU B 89 10.46 4.39 8.61
N ASP B 90 11.61 3.73 8.82
CA ASP B 90 12.36 2.99 7.80
C ASP B 90 11.77 1.66 7.29
N SER B 91 10.61 1.27 7.81
CA SER B 91 9.96 0.06 7.37
C SER B 91 9.40 0.26 5.95
N ALA B 92 10.22 -0.01 4.94
CA ALA B 92 9.76 0.07 3.56
C ALA B 92 10.19 -1.14 2.68
N VAL B 93 9.87 -1.19 1.38
CA VAL B 93 10.39 -2.19 0.42
C VAL B 93 11.62 -1.50 -0.21
N TYR B 94 12.70 -2.20 -0.51
CA TYR B 94 13.92 -1.62 -1.02
C TYR B 94 14.27 -2.45 -2.23
N TYR B 95 14.43 -1.74 -3.32
CA TYR B 95 14.70 -2.38 -4.59
C TYR B 95 16.15 -2.14 -4.91
N CYS B 96 16.64 -3.07 -5.73
CA CYS B 96 17.98 -3.13 -6.34
C CYS B 96 17.64 -3.18 -7.82
N ALA B 97 18.32 -2.49 -8.70
CA ALA B 97 18.00 -2.57 -10.12
C ALA B 97 19.27 -2.22 -10.87
N GLY B 98 19.47 -2.61 -12.12
CA GLY B 98 20.68 -2.24 -12.80
C GLY B 98 20.43 -1.33 -13.96
N SER B 99 21.32 -0.39 -14.25
CA SER B 99 21.22 0.48 -15.42
C SER B 99 22.32 0.05 -16.40
N SER B 100 22.28 0.31 -17.72
CA SER B 100 23.44 -0.01 -18.58
C SER B 100 23.82 1.05 -19.60
N GLY B 101 24.71 1.95 -19.18
CA GLY B 101 25.20 3.07 -19.97
C GLY B 101 24.16 3.91 -20.74
N ASN B 102 24.73 4.86 -21.51
CA ASN B 102 24.05 5.73 -22.47
C ASN B 102 22.76 6.47 -22.05
N LYS B 103 21.69 5.68 -21.85
CA LYS B 103 20.31 6.07 -21.54
C LYS B 103 19.97 6.60 -20.14
N TRP B 104 20.58 5.91 -19.16
CA TRP B 104 20.53 6.24 -17.72
C TRP B 104 19.23 5.90 -16.94
N ALA B 105 18.45 4.99 -17.47
CA ALA B 105 17.21 4.50 -16.87
C ALA B 105 17.42 3.18 -16.12
N MET B 106 16.63 2.86 -15.09
CA MET B 106 16.75 1.54 -14.46
C MET B 106 15.89 0.60 -15.32
N ASP B 107 16.61 -0.14 -16.14
CA ASP B 107 16.02 -1.06 -17.11
C ASP B 107 15.76 -2.50 -16.62
N TYR B 108 16.40 -3.01 -15.56
CA TYR B 108 16.18 -4.36 -15.04
C TYR B 108 16.06 -4.17 -13.53
N TRP B 109 15.07 -4.71 -12.83
CA TRP B 109 14.79 -4.48 -11.40
C TRP B 109 14.71 -5.76 -10.59
N GLY B 110 15.15 -5.75 -9.35
CA GLY B 110 15.04 -6.88 -8.48
C GLY B 110 13.62 -6.86 -7.95
N HIS B 111 13.34 -7.98 -7.29
CA HIS B 111 12.04 -8.26 -6.68
C HIS B 111 11.68 -7.50 -5.41
N GLY B 112 12.59 -6.72 -4.83
CA GLY B 112 12.26 -6.08 -3.59
C GLY B 112 12.58 -6.89 -2.36
N ALA B 113 12.95 -6.04 -1.40
CA ALA B 113 13.37 -6.39 -0.06
C ALA B 113 12.52 -5.60 0.91
N SER B 114 11.67 -6.22 1.73
CA SER B 114 10.91 -5.51 2.75
C SER B 114 11.59 -5.57 4.11
N VAL B 115 11.59 -4.46 4.82
CA VAL B 115 12.20 -4.37 6.14
C VAL B 115 11.08 -3.87 7.00
N THR B 116 10.67 -4.61 8.04
CA THR B 116 9.70 -4.17 9.06
C THR B 116 10.59 -3.89 10.25
N VAL B 117 10.54 -2.66 10.71
CA VAL B 117 11.34 -2.24 11.85
C VAL B 117 10.27 -2.27 12.94
N SER B 118 10.45 -3.11 13.96
CA SER B 118 9.48 -3.28 15.05
C SER B 118 10.20 -3.83 16.27
N SER B 119 9.81 -3.42 17.48
CA SER B 119 10.44 -3.95 18.69
C SER B 119 9.69 -5.17 19.23
N ALA B 120 8.88 -5.82 18.40
CA ALA B 120 8.14 -6.96 18.87
C ALA B 120 8.81 -8.29 18.56
N LYS B 121 8.47 -9.21 19.45
CA LYS B 121 8.82 -10.61 19.29
C LYS B 121 7.46 -11.18 18.82
N THR B 122 7.41 -12.41 18.34
CA THR B 122 6.18 -13.06 17.95
C THR B 122 5.15 -12.91 19.06
N THR B 123 4.14 -12.16 18.62
CA THR B 123 2.97 -11.88 19.40
C THR B 123 1.72 -12.51 18.77
N ALA B 124 0.99 -13.28 19.55
CA ALA B 124 -0.22 -13.94 19.13
C ALA B 124 -1.37 -12.92 19.05
N PRO B 125 -2.20 -12.87 18.00
CA PRO B 125 -3.39 -12.07 17.93
C PRO B 125 -4.59 -12.41 18.87
N SER B 126 -5.44 -11.42 19.07
CA SER B 126 -6.72 -11.61 19.74
C SER B 126 -7.76 -11.38 18.66
N VAL B 127 -8.66 -12.34 18.58
CA VAL B 127 -9.65 -12.34 17.52
C VAL B 127 -10.95 -11.90 18.17
N TYR B 128 -11.63 -10.89 17.64
CA TYR B 128 -12.84 -10.34 18.25
C TYR B 128 -13.96 -10.41 17.24
N PRO B 129 -15.08 -11.09 17.60
CA PRO B 129 -16.24 -11.25 16.73
C PRO B 129 -16.87 -9.88 16.48
N LEU B 130 -17.43 -9.51 15.34
CA LEU B 130 -18.12 -8.21 15.24
C LEU B 130 -19.56 -8.46 14.71
N ALA B 131 -20.51 -8.33 15.66
CA ALA B 131 -21.93 -8.59 15.44
C ALA B 131 -22.58 -7.23 15.32
N PRO B 132 -23.50 -7.10 14.37
CA PRO B 132 -23.94 -5.81 13.83
C PRO B 132 -25.13 -5.27 14.60
N VAL B 133 -25.21 -5.77 15.83
CA VAL B 133 -26.28 -5.49 16.78
C VAL B 133 -26.52 -3.94 16.73
N CYS B 134 -25.36 -3.30 16.80
CA CYS B 134 -25.02 -1.91 16.53
C CYS B 134 -26.08 -0.94 16.01
N GLY B 135 -26.30 -1.24 14.74
CA GLY B 135 -27.10 -0.49 13.80
C GLY B 135 -27.62 -1.57 12.89
N ASP B 136 -28.73 -1.98 13.50
CA ASP B 136 -29.65 -3.00 13.02
C ASP B 136 -29.66 -3.09 11.49
N THR B 137 -29.57 -4.36 11.09
CA THR B 137 -29.68 -4.85 9.70
C THR B 137 -30.34 -3.88 8.69
N THR B 138 -29.75 -3.75 7.50
CA THR B 138 -30.32 -2.88 6.46
C THR B 138 -31.59 -3.47 5.79
N GLY B 139 -32.23 -4.50 6.34
CA GLY B 139 -33.40 -5.16 5.80
C GLY B 139 -33.02 -6.54 5.31
N SER B 140 -32.46 -6.56 4.09
CA SER B 140 -32.01 -7.78 3.36
C SER B 140 -30.61 -8.34 3.65
N SER B 141 -29.72 -7.51 4.12
CA SER B 141 -28.33 -7.88 4.30
C SER B 141 -27.95 -7.64 5.74
N VAL B 142 -27.02 -8.44 6.21
CA VAL B 142 -26.39 -8.35 7.52
C VAL B 142 -24.94 -8.36 7.05
N THR B 143 -24.15 -7.55 7.73
CA THR B 143 -22.71 -7.44 7.53
C THR B 143 -22.20 -7.80 8.91
N LEU B 144 -21.20 -8.67 8.98
CA LEU B 144 -20.57 -9.11 10.22
C LEU B 144 -19.11 -8.81 10.01
N GLY B 145 -18.37 -8.63 11.07
CA GLY B 145 -16.97 -8.36 10.93
C GLY B 145 -16.19 -9.26 11.86
N CYS B 146 -14.88 -9.09 11.84
CA CYS B 146 -14.01 -9.82 12.74
C CYS B 146 -12.71 -9.03 12.78
N LEU B 147 -12.22 -8.81 14.01
CA LEU B 147 -11.03 -8.02 14.27
C LEU B 147 -9.91 -8.81 14.97
N VAL B 148 -8.73 -8.72 14.38
CA VAL B 148 -7.55 -9.48 14.75
C VAL B 148 -6.58 -8.43 15.26
N LYS B 149 -6.31 -8.42 16.55
CA LYS B 149 -5.59 -7.32 17.12
C LYS B 149 -4.27 -7.70 17.77
N GLY B 150 -3.23 -6.91 17.52
CA GLY B 150 -1.96 -7.07 18.20
C GLY B 150 -1.24 -8.38 17.95
N TYR B 151 -0.78 -8.55 16.72
CA TYR B 151 -0.02 -9.73 16.37
C TYR B 151 1.29 -9.28 15.73
N PHE B 152 2.39 -10.00 15.99
CA PHE B 152 3.69 -9.79 15.34
C PHE B 152 4.25 -11.18 15.06
N PRO B 153 4.95 -11.48 13.94
CA PRO B 153 4.89 -10.75 12.66
C PRO B 153 3.66 -11.20 11.85
N GLU B 154 3.70 -10.96 10.58
CA GLU B 154 2.61 -11.30 9.76
C GLU B 154 2.97 -12.68 9.11
N PRO B 155 2.06 -13.30 8.36
CA PRO B 155 0.65 -12.97 8.34
C PRO B 155 -0.14 -13.90 9.23
N VAL B 156 -1.40 -13.50 9.30
CA VAL B 156 -2.47 -14.26 9.92
C VAL B 156 -3.28 -14.59 8.69
N THR B 157 -4.08 -15.58 8.70
CA THR B 157 -5.00 -15.74 7.59
C THR B 157 -6.34 -15.92 8.23
N LEU B 158 -7.32 -15.37 7.51
CA LEU B 158 -8.70 -15.35 7.98
C LEU B 158 -9.52 -15.92 6.83
N THR B 159 -10.49 -16.81 7.08
CA THR B 159 -11.48 -17.26 6.08
C THR B 159 -12.81 -17.35 6.82
N TRP B 160 -13.90 -17.44 6.08
CA TRP B 160 -15.18 -17.51 6.75
C TRP B 160 -15.69 -18.87 6.48
N ASN B 161 -16.12 -19.54 7.53
CA ASN B 161 -16.76 -20.84 7.43
C ASN B 161 -15.91 -21.79 6.60
N SER B 162 -14.62 -21.91 6.95
CA SER B 162 -13.60 -22.71 6.27
C SER B 162 -13.52 -22.44 4.76
N GLY B 163 -13.84 -21.20 4.39
CA GLY B 163 -13.81 -20.75 3.02
C GLY B 163 -15.03 -21.17 2.25
N SER B 164 -16.08 -21.63 2.92
CA SER B 164 -17.35 -21.92 2.24
C SER B 164 -18.10 -20.60 1.95
N LEU B 165 -17.73 -19.54 2.68
CA LEU B 165 -18.34 -18.23 2.57
C LEU B 165 -17.23 -17.46 1.91
N SER B 166 -17.41 -17.01 0.69
CA SER B 166 -16.31 -16.36 -0.05
C SER B 166 -16.66 -15.10 -0.86
N SER B 167 -17.96 -14.87 -0.93
CA SER B 167 -18.55 -13.75 -1.67
C SER B 167 -18.96 -12.74 -0.62
N GLY B 168 -18.81 -11.46 -0.99
CA GLY B 168 -19.08 -10.36 -0.06
C GLY B 168 -18.21 -10.33 1.18
N VAL B 169 -17.01 -10.85 1.07
CA VAL B 169 -16.04 -10.82 2.13
C VAL B 169 -15.16 -9.66 1.72
N HIS B 170 -14.70 -8.80 2.60
CA HIS B 170 -13.75 -7.76 2.22
C HIS B 170 -12.65 -7.81 3.26
N THR B 171 -11.43 -8.20 2.89
CA THR B 171 -10.40 -8.24 3.91
C THR B 171 -9.40 -7.13 3.75
N PHE B 172 -9.29 -6.50 4.88
CA PHE B 172 -8.46 -5.32 4.91
C PHE B 172 -6.98 -5.60 5.24
N PRO B 173 -6.09 -5.03 4.40
CA PRO B 173 -4.65 -5.02 4.68
C PRO B 173 -4.35 -4.70 6.17
N ALA B 174 -3.30 -5.29 6.70
CA ALA B 174 -2.89 -5.09 8.09
C ALA B 174 -2.10 -3.79 8.20
N VAL B 175 -2.09 -3.20 9.37
CA VAL B 175 -1.39 -1.94 9.59
C VAL B 175 -0.62 -2.11 10.89
N LEU B 176 0.61 -1.62 10.93
CA LEU B 176 1.44 -1.78 12.11
C LEU B 176 1.05 -0.73 13.15
N GLN B 177 0.11 -1.23 13.94
CA GLN B 177 -0.49 -0.56 15.11
C GLN B 177 0.64 -0.48 16.13
N SER B 178 1.40 0.58 16.04
CA SER B 178 2.59 0.79 16.86
C SER B 178 3.64 -0.25 16.47
N ASP B 179 3.83 -1.39 17.15
CA ASP B 179 4.83 -2.34 16.70
C ASP B 179 4.24 -3.74 16.51
N LEU B 180 2.92 -3.73 16.33
CA LEU B 180 2.11 -4.93 16.17
C LEU B 180 1.22 -4.67 14.98
N TYR B 181 0.51 -5.66 14.50
CA TYR B 181 -0.43 -5.47 13.41
C TYR B 181 -1.86 -5.72 13.95
N THR B 182 -2.78 -5.22 13.11
CA THR B 182 -4.21 -5.28 13.29
C THR B 182 -4.77 -5.38 11.86
N LEU B 183 -5.75 -6.26 11.59
CA LEU B 183 -6.50 -6.31 10.33
C LEU B 183 -7.90 -6.83 10.69
N SER B 184 -8.86 -6.56 9.80
CA SER B 184 -10.27 -6.91 9.93
C SER B 184 -10.81 -7.34 8.58
N SER B 185 -11.96 -7.98 8.60
CA SER B 185 -12.68 -8.41 7.42
C SER B 185 -14.19 -8.37 7.73
N SER B 186 -15.02 -8.20 6.69
CA SER B 186 -16.47 -8.15 6.80
C SER B 186 -17.07 -9.11 5.78
N VAL B 187 -18.19 -9.72 6.13
CA VAL B 187 -18.90 -10.65 5.29
C VAL B 187 -20.35 -10.18 5.31
N THR B 188 -20.94 -10.26 4.15
CA THR B 188 -22.31 -9.84 4.02
C THR B 188 -23.12 -11.02 3.51
N VAL B 189 -24.03 -11.37 4.41
CA VAL B 189 -24.95 -12.50 4.32
C VAL B 189 -26.36 -11.95 4.22
N THR B 190 -27.36 -12.73 3.78
CA THR B 190 -28.74 -12.27 3.74
C THR B 190 -29.24 -12.34 5.18
N SER B 191 -30.23 -11.52 5.50
CA SER B 191 -30.76 -11.37 6.86
C SER B 191 -31.42 -12.63 7.44
N SER B 192 -31.90 -13.53 6.59
CA SER B 192 -32.45 -14.80 7.06
C SER B 192 -31.38 -15.80 7.52
N THR B 193 -30.20 -15.65 6.92
CA THR B 193 -29.02 -16.48 7.18
C THR B 193 -28.47 -16.29 8.57
N TRP B 194 -28.22 -15.07 9.00
CA TRP B 194 -27.63 -14.94 10.33
C TRP B 194 -28.79 -14.71 11.28
N PRO B 195 -28.88 -15.29 12.46
CA PRO B 195 -28.18 -16.49 12.89
C PRO B 195 -28.75 -17.87 12.57
N SER B 196 -29.70 -18.03 11.65
CA SER B 196 -30.28 -19.35 11.37
C SER B 196 -29.27 -20.32 10.76
N GLN B 197 -28.19 -19.81 10.19
CA GLN B 197 -27.08 -20.54 9.56
C GLN B 197 -25.88 -20.01 10.35
N SER B 198 -24.81 -20.76 10.50
CA SER B 198 -23.69 -20.27 11.28
C SER B 198 -22.61 -19.61 10.40
N ILE B 199 -22.13 -18.46 10.85
CA ILE B 199 -21.03 -17.76 10.21
C ILE B 199 -19.96 -17.74 11.30
N THR B 200 -18.74 -18.11 10.98
CA THR B 200 -17.64 -18.22 11.93
C THR B 200 -16.36 -17.65 11.29
N CYS B 201 -15.69 -16.81 12.08
CA CYS B 201 -14.43 -16.21 11.74
C CYS B 201 -13.29 -17.20 12.00
N ASN B 202 -12.50 -17.58 11.01
CA ASN B 202 -11.43 -18.57 11.19
C ASN B 202 -10.10 -17.84 11.10
N VAL B 203 -9.18 -17.98 12.07
CA VAL B 203 -7.89 -17.29 12.09
C VAL B 203 -6.76 -18.23 12.49
N ALA B 204 -5.61 -18.11 11.86
CA ALA B 204 -4.46 -18.94 12.18
C ALA B 204 -3.24 -18.06 11.99
N HIS B 205 -2.36 -17.98 12.98
CA HIS B 205 -1.22 -17.10 12.90
C HIS B 205 -0.14 -18.14 13.06
N PRO B 206 0.39 -18.65 11.92
CA PRO B 206 1.28 -19.81 11.91
C PRO B 206 2.56 -19.50 12.68
N ALA B 207 2.96 -18.23 12.70
CA ALA B 207 4.16 -17.82 13.40
C ALA B 207 4.08 -17.99 14.89
N SER B 208 2.98 -18.47 15.44
CA SER B 208 2.79 -18.61 16.89
C SER B 208 1.84 -19.75 17.20
N SER B 209 1.61 -20.65 16.25
CA SER B 209 0.82 -21.84 16.45
C SER B 209 -0.63 -21.53 16.78
N THR B 210 -1.17 -20.44 16.29
CA THR B 210 -2.49 -20.03 16.76
C THR B 210 -3.57 -20.39 15.76
N LYS B 211 -4.62 -21.10 16.15
CA LYS B 211 -5.76 -21.26 15.26
C LYS B 211 -7.02 -21.11 16.13
N VAL B 212 -7.93 -20.22 15.73
CA VAL B 212 -9.14 -19.80 16.44
C VAL B 212 -10.36 -19.75 15.49
N ASP B 213 -11.52 -20.04 16.04
CA ASP B 213 -12.74 -20.04 15.25
C ASP B 213 -13.71 -19.24 16.08
N LYS B 214 -14.21 -18.09 15.63
CA LYS B 214 -15.18 -17.32 16.40
C LYS B 214 -16.52 -17.44 15.69
N LYS B 215 -17.52 -18.18 16.19
CA LYS B 215 -18.82 -18.18 15.56
C LYS B 215 -19.30 -16.81 15.98
N ILE B 216 -19.79 -15.96 15.07
CA ILE B 216 -20.32 -14.64 15.46
C ILE B 216 -21.76 -14.91 15.85
N GLU B 217 -21.85 -15.07 17.16
CA GLU B 217 -23.08 -15.28 17.91
C GLU B 217 -23.73 -13.90 18.00
N PRO B 218 -25.02 -14.18 17.87
CA PRO B 218 -26.12 -13.25 17.96
C PRO B 218 -25.99 -12.54 19.33
#